data_8X46
#
_entry.id   8X46
#
_cell.length_a   119.150
_cell.length_b   80.340
_cell.length_c   84.110
_cell.angle_alpha   90.00
_cell.angle_beta   115.46
_cell.angle_gamma   90.00
#
_symmetry.space_group_name_H-M   'C 1 2 1'
#
loop_
_entity.id
_entity.type
_entity.pdbx_description
1 polymer 'Probable ribosomal RNA small subunit methyltransferase A'
2 non-polymer SINEFUNGIN
3 non-polymer 'ZINC ION'
4 non-polymer 'CHLORIDE ION'
5 non-polymer DI(HYDROXYETHYL)ETHER
6 non-polymer ARGININE
7 non-polymer 'SULFITE ION'
8 non-polymer 1,2-ETHANEDIOL
9 water water
#
_entity_poly.entity_id   1
_entity_poly.type   'polypeptide(L)'
_entity_poly.pdbx_seq_one_letter_code
;MSSRIRINTKSLLVQPGYSGSKMRDRLFFLLSKYGIRPRDSIGQHFLIIEDVIEKAIETANVNENDVILEVGPGLGFLTD
ELAKRAKKVYTIEIDQKIIEILKKEYSWNNVKIIQGDAVRVEWPKFNKVVSNIPYKISSPFTFKLLKTDFERAVVMYQLE
FALRMVAKPGSRNYSRLSLMAQALGNVEIVMKIGKGAFYPRPKVDSALVLIEPRKDKIVLNENLVKALFQHRRKTVPRAL
KDSIHMLGVSKDEIRGIINNVPHSNKRVFQLYPEEVKDIEEYLKKHGIIS
;
_entity_poly.pdbx_strand_id   A,B
#
loop_
_chem_comp.id
_chem_comp.type
_chem_comp.name
_chem_comp.formula
CL non-polymer 'CHLORIDE ION' 'Cl -1'
EDO non-polymer 1,2-ETHANEDIOL 'C2 H6 O2'
PEG non-polymer DI(HYDROXYETHYL)ETHER 'C4 H10 O3'
SFG non-polymer SINEFUNGIN 'C15 H23 N7 O5'
SO3 non-polymer 'SULFITE ION' 'O3 S -2'
ZN non-polymer 'ZINC ION' 'Zn 2'
#
# COMPACT_ATOMS: atom_id res chain seq x y z
N LYS A 22 11.33 -39.43 -6.28
CA LYS A 22 12.26 -39.44 -7.44
C LYS A 22 12.90 -38.06 -7.57
N MET A 23 12.10 -37.05 -7.92
CA MET A 23 12.49 -35.65 -7.76
C MET A 23 12.49 -35.32 -6.27
N ARG A 24 11.58 -35.95 -5.51
CA ARG A 24 11.57 -35.89 -4.06
C ARG A 24 12.94 -36.28 -3.54
N ASP A 25 13.48 -37.40 -4.07
CA ASP A 25 14.75 -37.92 -3.61
C ASP A 25 15.89 -36.94 -3.90
N ARG A 26 15.87 -36.33 -5.09
CA ARG A 26 16.87 -35.34 -5.45
C ARG A 26 16.83 -34.19 -4.44
N LEU A 27 15.62 -33.84 -4.00
CA LEU A 27 15.42 -32.77 -3.03
C LEU A 27 16.04 -33.16 -1.69
N PHE A 28 15.70 -34.33 -1.17
CA PHE A 28 16.26 -34.80 0.08
C PHE A 28 17.79 -34.81 0.04
N PHE A 29 18.34 -35.11 -1.13
CA PHE A 29 19.77 -35.17 -1.29
C PHE A 29 20.39 -33.77 -1.18
N LEU A 30 19.79 -32.81 -1.91
CA LEU A 30 20.23 -31.43 -1.89
C LEU A 30 20.04 -30.81 -0.51
N LEU A 31 18.96 -31.15 0.18
CA LEU A 31 18.67 -30.58 1.48
C LEU A 31 19.76 -30.99 2.47
N SER A 32 20.08 -32.29 2.51
CA SER A 32 21.06 -32.80 3.46
C SER A 32 22.46 -32.36 3.03
N LYS A 33 22.68 -32.18 1.73
CA LYS A 33 24.00 -31.82 1.22
C LYS A 33 24.45 -30.44 1.72
N TYR A 34 23.54 -29.48 1.72
CA TYR A 34 23.83 -28.13 2.15
C TYR A 34 23.32 -27.92 3.58
N GLY A 35 22.90 -29.00 4.24
CA GLY A 35 22.41 -28.99 5.61
C GLY A 35 21.34 -27.93 5.86
N ILE A 36 20.38 -27.78 4.93
CA ILE A 36 19.28 -26.85 5.10
C ILE A 36 17.96 -27.63 5.17
N ARG A 37 17.00 -27.12 5.94
CA ARG A 37 15.69 -27.72 6.06
C ARG A 37 14.66 -26.68 5.58
N PRO A 38 13.54 -27.10 4.95
CA PRO A 38 12.48 -26.18 4.51
C PRO A 38 11.88 -25.28 5.59
N ARG A 39 12.20 -23.98 5.45
CA ARG A 39 11.79 -22.91 6.35
C ARG A 39 10.47 -22.32 5.87
N ASP A 40 9.36 -22.68 6.53
CA ASP A 40 8.03 -22.21 6.12
C ASP A 40 7.91 -20.72 6.43
N SER A 41 9.01 -20.13 6.93
CA SER A 41 9.16 -18.70 7.21
C SER A 41 8.82 -17.82 6.01
N ILE A 42 9.63 -17.95 4.95
CA ILE A 42 9.46 -17.18 3.72
C ILE A 42 8.51 -17.93 2.78
N GLY A 43 8.52 -19.28 2.89
CA GLY A 43 7.66 -20.17 2.12
C GLY A 43 8.52 -21.20 1.37
N GLN A 44 8.43 -22.48 1.73
CA GLN A 44 9.34 -23.47 1.19
C GLN A 44 8.67 -24.85 1.06
N HIS A 45 7.43 -24.88 0.52
CA HIS A 45 6.82 -26.08 -0.05
C HIS A 45 7.26 -26.27 -1.51
N PHE A 46 8.33 -27.05 -1.71
CA PHE A 46 8.96 -27.17 -3.02
C PHE A 46 8.16 -28.15 -3.88
N LEU A 47 8.04 -27.85 -5.18
CA LEU A 47 7.32 -28.69 -6.13
C LEU A 47 8.23 -29.86 -6.51
N ILE A 48 7.76 -31.11 -6.30
CA ILE A 48 8.59 -32.30 -6.47
C ILE A 48 7.94 -33.35 -7.40
N ILE A 49 6.92 -32.97 -8.19
CA ILE A 49 6.40 -33.84 -9.25
C ILE A 49 6.78 -33.24 -10.61
N GLU A 50 7.56 -34.01 -11.36
CA GLU A 50 8.17 -33.58 -12.60
C GLU A 50 7.11 -33.18 -13.63
N ASP A 51 5.97 -33.89 -13.63
CA ASP A 51 4.95 -33.69 -14.65
C ASP A 51 4.10 -32.46 -14.35
N VAL A 52 4.10 -31.97 -13.10
CA VAL A 52 3.42 -30.72 -12.76
C VAL A 52 4.22 -29.58 -13.38
N ILE A 53 5.56 -29.70 -13.27
CA ILE A 53 6.47 -28.73 -13.85
C ILE A 53 6.30 -28.66 -15.36
N GLU A 54 6.31 -29.82 -16.02
CA GLU A 54 6.16 -29.91 -17.47
C GLU A 54 4.82 -29.28 -17.88
N LYS A 55 3.77 -29.61 -17.12
CA LYS A 55 2.44 -29.13 -17.42
C LYS A 55 2.36 -27.62 -17.28
N ALA A 56 3.03 -27.05 -16.27
CA ALA A 56 3.04 -25.60 -16.10
C ALA A 56 3.72 -24.99 -17.31
N ILE A 57 4.85 -25.59 -17.70
CA ILE A 57 5.68 -25.00 -18.74
C ILE A 57 4.98 -25.08 -20.11
N GLU A 58 4.28 -26.19 -20.38
CA GLU A 58 3.63 -26.33 -21.69
C GLU A 58 2.39 -25.44 -21.71
N THR A 59 1.72 -25.26 -20.56
CA THR A 59 0.58 -24.35 -20.47
C THR A 59 0.97 -22.91 -20.80
N ALA A 60 2.18 -22.49 -20.43
CA ALA A 60 2.72 -21.17 -20.73
C ALA A 60 3.35 -21.11 -22.13
N ASN A 61 3.58 -22.27 -22.77
CA ASN A 61 4.08 -22.36 -24.13
C ASN A 61 5.47 -21.77 -24.24
N VAL A 62 6.33 -22.12 -23.29
CA VAL A 62 7.65 -21.52 -23.19
C VAL A 62 8.44 -21.91 -24.43
N ASN A 63 8.99 -20.90 -25.12
CA ASN A 63 9.73 -21.17 -26.35
C ASN A 63 11.00 -20.32 -26.33
N GLU A 64 11.83 -20.56 -27.34
CA GLU A 64 13.15 -19.96 -27.49
C GLU A 64 13.10 -18.43 -27.61
N ASN A 65 11.92 -17.80 -27.73
CA ASN A 65 11.83 -16.35 -27.87
C ASN A 65 11.42 -15.67 -26.56
N ASP A 66 11.10 -16.48 -25.54
CA ASP A 66 10.46 -15.97 -24.34
C ASP A 66 11.51 -15.53 -23.33
N VAL A 67 11.19 -14.42 -22.67
CA VAL A 67 11.86 -13.95 -21.48
C VAL A 67 10.91 -14.24 -20.32
N ILE A 68 11.31 -15.14 -19.40
CA ILE A 68 10.45 -15.61 -18.33
C ILE A 68 10.85 -14.93 -17.02
N LEU A 69 9.84 -14.63 -16.19
CA LEU A 69 10.05 -14.31 -14.79
C LEU A 69 9.53 -15.44 -13.93
N GLU A 70 10.39 -15.88 -13.01
CA GLU A 70 10.04 -16.83 -11.98
C GLU A 70 10.25 -16.18 -10.62
N VAL A 71 9.33 -16.44 -9.69
CA VAL A 71 9.49 -16.02 -8.32
C VAL A 71 9.73 -17.28 -7.47
N GLY A 72 10.83 -17.26 -6.70
CA GLY A 72 11.11 -18.32 -5.74
C GLY A 72 11.60 -19.60 -6.42
N PRO A 73 12.84 -19.61 -6.93
CA PRO A 73 13.36 -20.79 -7.63
C PRO A 73 13.55 -22.01 -6.72
N GLY A 74 13.70 -21.76 -5.40
CA GLY A 74 13.91 -22.86 -4.47
C GLY A 74 15.16 -23.63 -4.89
N LEU A 75 15.04 -24.94 -5.11
CA LEU A 75 16.22 -25.69 -5.50
C LEU A 75 16.32 -25.86 -7.01
N GLY A 76 15.53 -25.08 -7.76
CA GLY A 76 15.80 -24.80 -9.15
C GLY A 76 15.22 -25.85 -10.11
N PHE A 77 14.22 -26.62 -9.66
CA PHE A 77 13.66 -27.68 -10.48
C PHE A 77 12.78 -27.09 -11.60
N LEU A 78 11.95 -26.10 -11.29
CA LEU A 78 11.19 -25.39 -12.30
C LEU A 78 12.15 -24.57 -13.18
N THR A 79 13.07 -23.86 -12.52
CA THR A 79 14.03 -22.99 -13.16
C THR A 79 14.80 -23.72 -14.26
N ASP A 80 15.20 -24.96 -13.96
CA ASP A 80 16.06 -25.75 -14.85
C ASP A 80 15.37 -26.06 -16.16
N GLU A 81 14.09 -26.40 -16.07
CA GLU A 81 13.27 -26.66 -17.24
C GLU A 81 12.99 -25.39 -18.03
N LEU A 82 12.79 -24.24 -17.34
CA LEU A 82 12.55 -22.97 -18.03
C LEU A 82 13.79 -22.60 -18.83
N ALA A 83 14.96 -22.76 -18.20
CA ALA A 83 16.26 -22.43 -18.77
C ALA A 83 16.56 -23.19 -20.06
N LYS A 84 16.06 -24.43 -20.18
CA LYS A 84 16.24 -25.24 -21.37
C LYS A 84 15.44 -24.71 -22.54
N ARG A 85 14.33 -24.01 -22.30
CA ARG A 85 13.43 -23.65 -23.40
C ARG A 85 13.40 -22.16 -23.70
N ALA A 86 13.64 -21.30 -22.71
CA ALA A 86 13.48 -19.86 -22.89
C ALA A 86 14.77 -19.24 -23.44
N LYS A 87 14.63 -18.10 -24.11
CA LYS A 87 15.76 -17.24 -24.41
C LYS A 87 16.49 -16.85 -23.13
N LYS A 88 15.72 -16.53 -22.06
CA LYS A 88 16.24 -15.87 -20.87
C LYS A 88 15.25 -16.07 -19.72
N VAL A 89 15.78 -16.38 -18.52
CA VAL A 89 15.00 -16.44 -17.29
C VAL A 89 15.59 -15.48 -16.27
N TYR A 90 14.73 -14.64 -15.68
CA TYR A 90 15.01 -13.87 -14.47
C TYR A 90 14.31 -14.57 -13.31
N THR A 91 15.03 -14.84 -12.23
CA THR A 91 14.41 -15.52 -11.11
C THR A 91 14.76 -14.78 -9.82
N ILE A 92 13.72 -14.36 -9.08
CA ILE A 92 13.82 -13.52 -7.89
C ILE A 92 13.76 -14.44 -6.67
N GLU A 93 14.85 -14.48 -5.89
CA GLU A 93 14.95 -15.32 -4.71
C GLU A 93 15.37 -14.48 -3.51
N ILE A 94 14.68 -14.63 -2.37
CA ILE A 94 14.86 -13.76 -1.22
C ILE A 94 16.00 -14.28 -0.32
N ASP A 95 16.28 -15.57 -0.41
CA ASP A 95 17.14 -16.27 0.53
C ASP A 95 18.51 -16.45 -0.13
N GLN A 96 19.54 -15.83 0.46
CA GLN A 96 20.88 -15.79 -0.10
C GLN A 96 21.52 -17.18 -0.11
N LYS A 97 21.11 -18.06 0.82
CA LYS A 97 21.63 -19.42 0.87
C LYS A 97 21.19 -20.22 -0.37
N ILE A 98 19.90 -20.12 -0.71
CA ILE A 98 19.35 -20.75 -1.90
C ILE A 98 20.11 -20.26 -3.14
N ILE A 99 20.37 -18.96 -3.21
CA ILE A 99 21.07 -18.38 -4.36
C ILE A 99 22.44 -19.03 -4.51
N GLU A 100 23.16 -19.19 -3.39
CA GLU A 100 24.49 -19.77 -3.42
C GLU A 100 24.38 -21.19 -3.95
N ILE A 101 23.35 -21.91 -3.50
CA ILE A 101 23.18 -23.31 -3.90
C ILE A 101 22.84 -23.41 -5.37
N LEU A 102 21.96 -22.55 -5.90
CA LEU A 102 21.62 -22.58 -7.31
C LEU A 102 22.88 -22.40 -8.17
N LYS A 103 23.73 -21.44 -7.77
CA LYS A 103 24.95 -21.12 -8.51
C LYS A 103 25.94 -22.29 -8.50
N LYS A 104 26.03 -23.01 -7.38
CA LYS A 104 26.91 -24.17 -7.28
C LYS A 104 26.31 -25.36 -8.02
N GLU A 105 24.99 -25.47 -8.07
CA GLU A 105 24.39 -26.72 -8.47
C GLU A 105 24.08 -26.70 -9.97
N TYR A 106 23.98 -25.52 -10.59
CA TYR A 106 23.57 -25.44 -11.99
C TYR A 106 24.54 -24.57 -12.77
N SER A 107 24.44 -24.69 -14.10
CA SER A 107 25.43 -24.14 -15.01
C SER A 107 24.81 -23.24 -16.10
N TRP A 108 23.58 -22.81 -15.92
CA TRP A 108 22.80 -22.14 -16.95
C TRP A 108 23.57 -20.97 -17.58
N ASN A 109 23.33 -20.76 -18.88
CA ASN A 109 23.89 -19.62 -19.59
C ASN A 109 22.93 -18.43 -19.56
N ASN A 110 21.64 -18.72 -19.31
CA ASN A 110 20.56 -17.80 -19.65
C ASN A 110 19.67 -17.54 -18.44
N VAL A 111 20.21 -17.66 -17.22
CA VAL A 111 19.42 -17.37 -16.04
C VAL A 111 20.07 -16.26 -15.20
N LYS A 112 19.33 -15.18 -14.98
CA LYS A 112 19.76 -14.11 -14.09
C LYS A 112 19.01 -14.24 -12.76
N ILE A 113 19.76 -14.53 -11.69
CA ILE A 113 19.20 -14.60 -10.34
C ILE A 113 19.22 -13.22 -9.69
N ILE A 114 18.06 -12.79 -9.18
CA ILE A 114 17.94 -11.49 -8.55
C ILE A 114 17.68 -11.73 -7.07
N GLN A 115 18.55 -11.19 -6.20
CA GLN A 115 18.37 -11.34 -4.78
C GLN A 115 17.34 -10.33 -4.30
N GLY A 116 16.30 -10.79 -3.61
CA GLY A 116 15.37 -9.91 -2.94
C GLY A 116 13.97 -10.51 -2.78
N ASP A 117 13.12 -9.73 -2.11
CA ASP A 117 11.71 -10.03 -1.96
C ASP A 117 11.01 -9.61 -3.25
N ALA A 118 10.43 -10.58 -3.96
CA ALA A 118 9.81 -10.31 -5.26
C ALA A 118 8.73 -9.23 -5.15
N VAL A 119 8.14 -9.06 -3.95
CA VAL A 119 7.12 -8.03 -3.73
C VAL A 119 7.78 -6.65 -3.71
N ARG A 120 9.06 -6.55 -3.36
CA ARG A 120 9.70 -5.27 -3.12
C ARG A 120 10.58 -4.85 -4.31
N VAL A 121 11.29 -5.81 -4.92
CA VAL A 121 12.33 -5.45 -5.87
C VAL A 121 11.68 -5.04 -7.20
N GLU A 122 12.48 -4.32 -7.99
CA GLU A 122 12.14 -3.90 -9.33
C GLU A 122 12.13 -5.14 -10.21
N TRP A 123 11.06 -5.31 -11.00
CA TRP A 123 10.97 -6.44 -11.89
C TRP A 123 11.65 -6.09 -13.21
N PRO A 124 12.37 -7.05 -13.84
CA PRO A 124 12.94 -6.84 -15.17
C PRO A 124 11.78 -6.95 -16.17
N LYS A 125 12.04 -6.63 -17.44
CA LYS A 125 11.01 -6.80 -18.45
C LYS A 125 10.96 -8.28 -18.84
N PHE A 126 9.75 -8.77 -19.11
CA PHE A 126 9.53 -10.17 -19.44
C PHE A 126 8.23 -10.24 -20.23
N ASN A 127 7.98 -11.36 -20.91
CA ASN A 127 6.71 -11.53 -21.58
C ASN A 127 5.91 -12.67 -20.94
N LYS A 128 6.56 -13.55 -20.15
CA LYS A 128 5.85 -14.62 -19.48
C LYS A 128 6.34 -14.84 -18.04
N VAL A 129 5.43 -15.33 -17.20
CA VAL A 129 5.73 -15.71 -15.83
C VAL A 129 5.38 -17.18 -15.72
N VAL A 130 6.31 -17.96 -15.14
CA VAL A 130 6.01 -19.32 -14.70
C VAL A 130 6.61 -19.48 -13.29
N SER A 131 5.76 -19.78 -12.29
CA SER A 131 6.22 -19.78 -10.91
C SER A 131 5.37 -20.64 -9.96
N ASN A 132 6.02 -21.35 -9.01
CA ASN A 132 5.37 -21.84 -7.80
C ASN A 132 5.50 -20.70 -6.77
N ILE A 133 4.45 -19.86 -6.65
CA ILE A 133 4.51 -18.64 -5.87
C ILE A 133 4.56 -19.00 -4.39
N PRO A 134 5.40 -18.35 -3.56
CA PRO A 134 5.26 -18.47 -2.10
C PRO A 134 3.86 -18.00 -1.74
N TYR A 135 3.08 -18.82 -1.04
CA TYR A 135 1.65 -18.58 -0.91
C TYR A 135 1.40 -17.34 -0.05
N LYS A 136 2.43 -16.95 0.73
CA LYS A 136 2.33 -15.80 1.60
C LYS A 136 2.29 -14.51 0.79
N ILE A 137 2.85 -14.52 -0.43
CA ILE A 137 2.82 -13.31 -1.24
C ILE A 137 1.87 -13.49 -2.43
N SER A 138 0.96 -14.49 -2.37
CA SER A 138 0.03 -14.73 -3.46
C SER A 138 -0.67 -13.41 -3.84
N SER A 139 -1.22 -12.74 -2.81
CA SER A 139 -2.05 -11.57 -2.97
C SER A 139 -1.26 -10.37 -3.53
N PRO A 140 -0.21 -9.84 -2.87
CA PRO A 140 0.57 -8.75 -3.46
C PRO A 140 1.22 -9.08 -4.80
N PHE A 141 1.68 -10.32 -4.94
CA PHE A 141 2.26 -10.75 -6.19
C PHE A 141 1.26 -10.56 -7.33
N THR A 142 0.03 -11.03 -7.13
CA THR A 142 -0.97 -11.02 -8.18
C THR A 142 -1.29 -9.58 -8.59
N PHE A 143 -1.48 -8.68 -7.60
CA PHE A 143 -1.86 -7.28 -7.88
C PHE A 143 -0.74 -6.61 -8.65
N LYS A 144 0.53 -6.91 -8.30
CA LYS A 144 1.64 -6.34 -9.04
C LYS A 144 1.60 -6.87 -10.48
N LEU A 145 1.36 -8.19 -10.64
CA LEU A 145 1.48 -8.83 -11.93
C LEU A 145 0.46 -8.20 -12.88
N LEU A 146 -0.79 -8.11 -12.42
CA LEU A 146 -1.89 -7.59 -13.21
C LEU A 146 -1.63 -6.15 -13.70
N LYS A 147 -0.73 -5.40 -13.02
CA LYS A 147 -0.34 -4.06 -13.44
C LYS A 147 0.80 -4.07 -14.45
N THR A 148 1.27 -5.27 -14.81
CA THR A 148 2.41 -5.45 -15.70
C THR A 148 1.93 -5.69 -17.12
N ASP A 149 2.76 -5.33 -18.11
CA ASP A 149 2.57 -5.82 -19.48
C ASP A 149 3.33 -7.15 -19.64
N PHE A 150 2.55 -8.21 -19.93
CA PHE A 150 3.03 -9.57 -20.09
C PHE A 150 2.03 -10.30 -20.97
N GLU A 151 2.48 -11.31 -21.75
CA GLU A 151 1.57 -12.06 -22.60
C GLU A 151 0.82 -13.09 -21.76
N ARG A 152 1.53 -13.80 -20.86
CA ARG A 152 0.92 -14.93 -20.20
C ARG A 152 1.63 -15.27 -18.89
N ALA A 153 0.86 -15.68 -17.88
CA ALA A 153 1.41 -16.13 -16.62
C ALA A 153 0.81 -17.47 -16.25
N VAL A 154 1.67 -18.44 -15.91
CA VAL A 154 1.22 -19.69 -15.33
C VAL A 154 1.81 -19.86 -13.92
N VAL A 155 0.92 -19.84 -12.91
CA VAL A 155 1.33 -19.70 -11.53
C VAL A 155 0.54 -20.68 -10.66
N MET A 156 1.27 -21.29 -9.70
CA MET A 156 0.67 -22.14 -8.69
C MET A 156 0.27 -21.32 -7.48
N TYR A 157 -0.96 -21.52 -7.02
CA TYR A 157 -1.50 -20.91 -5.81
C TYR A 157 -2.20 -21.97 -4.97
N GLN A 158 -2.54 -21.64 -3.72
CA GLN A 158 -3.51 -22.44 -2.98
C GLN A 158 -4.86 -22.36 -3.67
N LEU A 159 -5.62 -23.45 -3.52
CA LEU A 159 -6.85 -23.67 -4.27
C LEU A 159 -7.87 -22.60 -3.92
N GLU A 160 -8.00 -22.32 -2.63
CA GLU A 160 -8.98 -21.34 -2.18
C GLU A 160 -8.64 -19.97 -2.77
N PHE A 161 -7.35 -19.61 -2.83
CA PHE A 161 -6.96 -18.33 -3.40
C PHE A 161 -7.22 -18.30 -4.90
N ALA A 162 -6.99 -19.42 -5.58
CA ALA A 162 -7.24 -19.52 -7.02
C ALA A 162 -8.72 -19.33 -7.29
N LEU A 163 -9.58 -19.92 -6.44
CA LEU A 163 -11.03 -19.83 -6.56
C LEU A 163 -11.52 -18.40 -6.29
N ARG A 164 -10.78 -17.66 -5.43
CA ARG A 164 -11.09 -16.26 -5.12
C ARG A 164 -10.81 -15.42 -6.36
N MET A 165 -9.70 -15.72 -7.05
CA MET A 165 -9.33 -15.03 -8.27
C MET A 165 -10.38 -15.19 -9.35
N VAL A 166 -11.12 -16.30 -9.36
CA VAL A 166 -12.11 -16.49 -10.42
C VAL A 166 -13.53 -16.22 -9.90
N ALA A 167 -13.69 -15.68 -8.69
CA ALA A 167 -15.02 -15.56 -8.09
C ALA A 167 -15.83 -14.58 -8.94
N LYS A 168 -17.15 -14.83 -8.99
CA LYS A 168 -18.09 -14.03 -9.76
C LYS A 168 -18.66 -12.92 -8.89
N PRO A 169 -18.88 -11.69 -9.44
CA PRO A 169 -19.54 -10.62 -8.70
C PRO A 169 -20.80 -11.15 -8.04
N GLY A 170 -20.90 -10.92 -6.73
CA GLY A 170 -22.06 -11.30 -5.96
C GLY A 170 -21.93 -12.68 -5.32
N SER A 171 -20.82 -13.38 -5.54
CA SER A 171 -20.54 -14.59 -4.77
C SER A 171 -19.89 -14.21 -3.43
N ARG A 172 -19.92 -15.16 -2.48
CA ARG A 172 -19.42 -14.97 -1.13
C ARG A 172 -17.94 -14.57 -1.10
N ASN A 173 -17.15 -15.05 -2.06
CA ASN A 173 -15.70 -14.96 -1.99
C ASN A 173 -15.21 -13.91 -2.98
N TYR A 174 -16.14 -13.13 -3.54
CA TYR A 174 -15.76 -12.06 -4.42
C TYR A 174 -15.20 -10.90 -3.59
N SER A 175 -13.96 -10.52 -3.90
CA SER A 175 -13.19 -9.57 -3.11
C SER A 175 -12.40 -8.67 -4.06
N ARG A 176 -11.57 -7.79 -3.49
CA ARG A 176 -10.78 -6.86 -4.29
C ARG A 176 -9.96 -7.62 -5.34
N LEU A 177 -9.36 -8.73 -4.92
CA LEU A 177 -8.56 -9.60 -5.78
C LEU A 177 -9.36 -10.05 -7.01
N SER A 178 -10.54 -10.61 -6.75
CA SER A 178 -11.48 -11.04 -7.79
C SER A 178 -11.78 -9.89 -8.75
N LEU A 179 -12.04 -8.70 -8.21
CA LEU A 179 -12.45 -7.58 -9.04
C LEU A 179 -11.31 -7.20 -9.97
N MET A 180 -10.10 -7.06 -9.38
CA MET A 180 -8.96 -6.62 -10.16
C MET A 180 -8.57 -7.68 -11.20
N ALA A 181 -8.72 -8.97 -10.84
CA ALA A 181 -8.40 -10.05 -11.76
C ALA A 181 -9.31 -9.97 -12.99
N GLN A 182 -10.61 -9.78 -12.74
CA GLN A 182 -11.60 -9.67 -13.80
C GLN A 182 -11.44 -8.35 -14.55
N ALA A 183 -11.08 -7.25 -13.85
CA ALA A 183 -10.90 -5.96 -14.52
C ALA A 183 -9.73 -6.02 -15.49
N LEU A 184 -8.63 -6.66 -15.08
CA LEU A 184 -7.37 -6.56 -15.79
C LEU A 184 -6.99 -7.86 -16.49
N GLY A 185 -7.58 -9.00 -16.12
CA GLY A 185 -7.09 -10.27 -16.63
C GLY A 185 -8.19 -11.18 -17.17
N ASN A 186 -7.73 -12.21 -17.87
CA ASN A 186 -8.55 -13.38 -18.18
C ASN A 186 -7.94 -14.53 -17.38
N VAL A 187 -8.70 -15.04 -16.41
CA VAL A 187 -8.10 -15.99 -15.49
C VAL A 187 -8.75 -17.36 -15.63
N GLU A 188 -7.96 -18.41 -15.47
CA GLU A 188 -8.47 -19.76 -15.65
C GLU A 188 -7.72 -20.72 -14.73
N ILE A 189 -8.47 -21.57 -14.01
CA ILE A 189 -7.88 -22.65 -13.25
C ILE A 189 -7.68 -23.83 -14.22
N VAL A 190 -6.42 -24.12 -14.54
CA VAL A 190 -6.07 -25.16 -15.48
C VAL A 190 -6.28 -26.54 -14.85
N MET A 191 -5.80 -26.73 -13.62
CA MET A 191 -6.08 -27.95 -12.87
C MET A 191 -5.78 -27.74 -11.38
N LYS A 192 -6.43 -28.56 -10.55
CA LYS A 192 -6.10 -28.69 -9.13
C LYS A 192 -4.83 -29.52 -8.97
N ILE A 193 -4.10 -29.30 -7.89
CA ILE A 193 -2.85 -30.02 -7.61
C ILE A 193 -2.87 -30.47 -6.15
N GLY A 194 -2.80 -31.80 -5.96
CA GLY A 194 -2.81 -32.42 -4.65
C GLY A 194 -1.67 -31.94 -3.77
N LYS A 195 -1.88 -32.08 -2.46
CA LYS A 195 -0.88 -31.88 -1.40
C LYS A 195 0.39 -32.69 -1.70
N GLY A 196 0.22 -33.91 -2.21
CA GLY A 196 1.32 -34.84 -2.42
C GLY A 196 2.36 -34.35 -3.43
N ALA A 197 2.10 -33.21 -4.10
CA ALA A 197 2.99 -32.73 -5.15
C ALA A 197 4.15 -31.88 -4.60
N PHE A 198 4.18 -31.58 -3.29
CA PHE A 198 5.19 -30.70 -2.72
C PHE A 198 5.86 -31.38 -1.53
N TYR A 199 7.11 -30.97 -1.21
CA TYR A 199 7.68 -31.29 0.07
C TYR A 199 8.21 -30.02 0.74
N PRO A 200 7.85 -29.74 2.02
CA PRO A 200 6.82 -30.49 2.76
C PRO A 200 5.43 -30.38 2.18
N ARG A 201 4.53 -31.29 2.63
CA ARG A 201 3.16 -31.33 2.15
C ARG A 201 2.35 -30.18 2.77
N PRO A 202 1.58 -29.39 1.97
CA PRO A 202 0.59 -28.46 2.53
C PRO A 202 -0.64 -29.30 2.89
N LYS A 203 -1.58 -28.75 3.68
CA LYS A 203 -2.75 -29.53 4.05
C LYS A 203 -3.96 -29.20 3.18
N VAL A 204 -3.79 -28.30 2.20
CA VAL A 204 -4.83 -28.04 1.21
C VAL A 204 -4.25 -28.27 -0.19
N ASP A 205 -5.12 -28.76 -1.07
CA ASP A 205 -4.85 -28.80 -2.50
C ASP A 205 -4.37 -27.41 -2.96
N SER A 206 -3.54 -27.39 -4.01
CA SER A 206 -3.16 -26.17 -4.71
C SER A 206 -3.85 -26.11 -6.08
N ALA A 207 -3.57 -25.08 -6.88
CA ALA A 207 -4.11 -25.00 -8.24
C ALA A 207 -3.13 -24.29 -9.16
N LEU A 208 -3.06 -24.78 -10.40
CA LEU A 208 -2.32 -24.12 -11.46
C LEU A 208 -3.26 -23.17 -12.19
N VAL A 209 -2.83 -21.90 -12.28
CA VAL A 209 -3.68 -20.83 -12.77
C VAL A 209 -3.00 -20.18 -13.96
N LEU A 210 -3.78 -19.95 -15.00
CA LEU A 210 -3.33 -19.25 -16.19
C LEU A 210 -3.96 -17.86 -16.19
N ILE A 211 -3.13 -16.83 -16.45
CA ILE A 211 -3.58 -15.45 -16.49
C ILE A 211 -3.03 -14.84 -17.77
N GLU A 212 -3.92 -14.18 -18.51
CA GLU A 212 -3.51 -13.35 -19.62
C GLU A 212 -4.09 -11.96 -19.42
N PRO A 213 -3.47 -10.90 -19.96
CA PRO A 213 -4.06 -9.57 -19.88
C PRO A 213 -5.38 -9.54 -20.63
N ARG A 214 -6.41 -8.92 -20.03
CA ARG A 214 -7.65 -8.60 -20.70
C ARG A 214 -7.32 -7.63 -21.83
N LYS A 215 -7.89 -7.86 -23.02
CA LYS A 215 -7.58 -7.03 -24.19
C LYS A 215 -8.17 -5.64 -24.01
N ASP A 216 -9.34 -5.60 -23.38
CA ASP A 216 -10.10 -4.40 -23.10
C ASP A 216 -10.07 -4.13 -21.59
N LYS A 217 -8.92 -3.71 -21.05
CA LYS A 217 -8.71 -3.58 -19.62
C LYS A 217 -9.60 -2.47 -19.05
N ILE A 218 -10.17 -2.73 -17.87
CA ILE A 218 -10.81 -1.70 -17.07
C ILE A 218 -9.83 -1.27 -15.97
N VAL A 219 -9.25 -0.08 -16.17
CA VAL A 219 -8.31 0.51 -15.26
C VAL A 219 -9.08 1.22 -14.15
N LEU A 220 -8.90 0.76 -12.90
CA LEU A 220 -9.64 1.28 -11.76
C LEU A 220 -8.68 1.95 -10.77
N ASN A 221 -9.24 2.91 -10.03
CA ASN A 221 -8.48 3.67 -9.05
C ASN A 221 -8.29 2.81 -7.80
N GLU A 222 -7.01 2.58 -7.42
CA GLU A 222 -6.67 1.62 -6.37
C GLU A 222 -7.22 2.07 -5.02
N ASN A 223 -7.18 3.39 -4.77
CA ASN A 223 -7.63 3.97 -3.52
C ASN A 223 -9.13 3.73 -3.35
N LEU A 224 -9.88 4.05 -4.41
CA LEU A 224 -11.31 3.80 -4.49
C LEU A 224 -11.65 2.35 -4.15
N VAL A 225 -11.03 1.40 -4.87
CA VAL A 225 -11.30 -0.02 -4.68
C VAL A 225 -10.97 -0.42 -3.23
N LYS A 226 -9.80 -0.01 -2.75
CA LYS A 226 -9.40 -0.27 -1.37
C LYS A 226 -10.49 0.22 -0.41
N ALA A 227 -10.95 1.45 -0.65
CA ALA A 227 -11.97 2.10 0.17
C ALA A 227 -13.28 1.30 0.16
N LEU A 228 -13.77 1.04 -1.05
CA LEU A 228 -14.97 0.24 -1.25
C LEU A 228 -14.82 -1.14 -0.60
N PHE A 229 -13.67 -1.80 -0.83
CA PHE A 229 -13.54 -3.21 -0.43
C PHE A 229 -12.99 -3.35 0.99
N GLN A 230 -12.65 -2.25 1.68
CA GLN A 230 -12.34 -2.30 3.10
C GLN A 230 -13.35 -3.25 3.77
N HIS A 231 -14.63 -3.01 3.50
CA HIS A 231 -15.72 -3.74 4.10
C HIS A 231 -16.74 -3.97 2.97
N ARG A 232 -16.57 -5.12 2.30
CA ARG A 232 -17.15 -5.37 0.99
C ARG A 232 -18.62 -5.80 1.14
N ARG A 233 -19.03 -6.05 2.39
CA ARG A 233 -20.40 -6.40 2.71
C ARG A 233 -21.31 -5.16 2.75
N LYS A 234 -20.73 -3.96 2.82
CA LYS A 234 -21.52 -2.74 2.92
C LYS A 234 -22.12 -2.36 1.57
N THR A 235 -23.29 -1.68 1.61
CA THR A 235 -23.83 -0.96 0.47
C THR A 235 -22.76 0.02 0.00
N VAL A 236 -22.83 0.44 -1.28
CA VAL A 236 -21.76 1.24 -1.83
C VAL A 236 -21.74 2.62 -1.16
N PRO A 237 -22.90 3.27 -0.84
CA PRO A 237 -22.86 4.59 -0.18
C PRO A 237 -22.17 4.50 1.19
N ARG A 238 -22.66 3.59 2.07
CA ARG A 238 -22.06 3.39 3.37
C ARG A 238 -20.56 3.22 3.26
N ALA A 239 -20.13 2.46 2.25
CA ALA A 239 -18.72 2.15 2.09
C ALA A 239 -17.93 3.43 1.81
N LEU A 240 -18.42 4.19 0.81
CA LEU A 240 -17.70 5.36 0.30
C LEU A 240 -17.51 6.41 1.42
N LYS A 241 -18.60 6.69 2.17
CA LYS A 241 -18.50 7.73 3.19
C LYS A 241 -17.50 7.31 4.29
N ASP A 242 -17.52 6.00 4.60
CA ASP A 242 -16.70 5.39 5.66
C ASP A 242 -15.20 5.64 5.32
N SER A 243 -14.82 5.33 4.07
CA SER A 243 -13.42 5.21 3.69
C SER A 243 -12.72 6.56 3.49
N ILE A 244 -13.43 7.54 2.95
CA ILE A 244 -12.87 8.86 2.68
C ILE A 244 -12.92 9.74 3.94
N HIS A 245 -13.86 9.50 4.87
CA HIS A 245 -13.84 10.20 6.16
C HIS A 245 -12.61 9.80 6.99
N MET A 246 -12.13 8.56 6.82
CA MET A 246 -11.02 8.04 7.62
C MET A 246 -9.69 8.55 7.06
N LEU A 247 -9.68 8.91 5.76
CA LEU A 247 -8.50 9.52 5.16
C LEU A 247 -8.06 10.78 5.98
N GLY A 248 -9.13 11.47 6.54
CA GLY A 248 -9.00 12.73 7.27
C GLY A 248 -9.90 13.86 6.76
N VAL A 249 -10.82 13.53 5.83
CA VAL A 249 -11.82 14.41 5.24
C VAL A 249 -12.99 14.58 6.22
N SER A 250 -13.82 15.63 6.06
CA SER A 250 -15.09 15.73 6.77
C SER A 250 -16.20 15.11 5.90
N LYS A 251 -17.22 14.53 6.56
CA LYS A 251 -18.26 13.78 5.88
C LYS A 251 -19.47 14.66 5.57
N ASP A 252 -19.60 15.77 6.31
CA ASP A 252 -20.50 16.86 5.94
C ASP A 252 -20.14 17.34 4.54
N GLU A 253 -18.86 17.14 4.16
CA GLU A 253 -18.29 17.65 2.92
C GLU A 253 -18.64 16.75 1.73
N ILE A 254 -18.99 15.48 1.98
CA ILE A 254 -19.06 14.52 0.88
C ILE A 254 -20.38 13.73 0.90
N ARG A 255 -21.27 14.01 1.85
CA ARG A 255 -22.51 13.25 2.02
C ARG A 255 -23.35 13.28 0.75
N GLY A 256 -23.82 14.48 0.37
CA GLY A 256 -24.65 14.69 -0.81
C GLY A 256 -24.05 14.01 -2.05
N ILE A 257 -22.78 14.30 -2.36
CA ILE A 257 -22.18 13.82 -3.60
C ILE A 257 -22.20 12.30 -3.60
N ILE A 258 -21.62 11.70 -2.55
CA ILE A 258 -21.61 10.26 -2.32
C ILE A 258 -23.03 9.68 -2.43
N ASN A 259 -24.04 10.43 -1.96
CA ASN A 259 -25.39 9.91 -1.95
C ASN A 259 -25.92 9.62 -3.35
N ASN A 260 -25.58 10.43 -4.37
CA ASN A 260 -26.08 10.26 -5.74
C ASN A 260 -25.28 9.22 -6.57
N VAL A 261 -24.32 8.57 -5.90
CA VAL A 261 -23.34 7.68 -6.54
C VAL A 261 -24.06 6.53 -7.28
N PRO A 262 -23.62 6.21 -8.51
CA PRO A 262 -24.26 5.15 -9.30
C PRO A 262 -24.10 3.77 -8.65
N HIS A 263 -25.06 2.88 -8.94
CA HIS A 263 -25.06 1.52 -8.45
C HIS A 263 -25.22 1.50 -6.93
N SER A 264 -25.94 2.50 -6.39
CA SER A 264 -25.99 2.74 -4.96
C SER A 264 -26.83 1.69 -4.23
N ASN A 265 -27.65 0.90 -4.93
CA ASN A 265 -28.43 -0.14 -4.27
C ASN A 265 -27.74 -1.50 -4.38
N LYS A 266 -26.44 -1.50 -4.66
CA LYS A 266 -25.64 -2.72 -4.56
C LYS A 266 -24.78 -2.71 -3.31
N ARG A 267 -24.40 -3.91 -2.86
CA ARG A 267 -23.30 -4.06 -1.92
C ARG A 267 -21.99 -4.21 -2.68
N VAL A 268 -20.89 -3.81 -2.05
CA VAL A 268 -19.63 -3.68 -2.78
C VAL A 268 -19.27 -5.01 -3.44
N PHE A 269 -19.61 -6.16 -2.82
CA PHE A 269 -19.17 -7.46 -3.31
C PHE A 269 -20.01 -7.93 -4.51
N GLN A 270 -20.99 -7.10 -4.92
CA GLN A 270 -21.83 -7.40 -6.07
C GLN A 270 -21.39 -6.60 -7.29
N LEU A 271 -20.38 -5.74 -7.14
CA LEU A 271 -20.01 -4.80 -8.19
C LEU A 271 -19.12 -5.47 -9.24
N TYR A 272 -19.52 -5.26 -10.50
CA TYR A 272 -18.71 -5.54 -11.67
C TYR A 272 -17.68 -4.43 -11.82
N PRO A 273 -16.51 -4.73 -12.43
CA PRO A 273 -15.53 -3.70 -12.77
C PRO A 273 -16.11 -2.49 -13.48
N GLU A 274 -17.10 -2.74 -14.37
CA GLU A 274 -17.69 -1.68 -15.16
C GLU A 274 -18.42 -0.70 -14.23
N GLU A 275 -19.13 -1.26 -13.24
CA GLU A 275 -19.89 -0.47 -12.28
C GLU A 275 -18.95 0.32 -11.36
N VAL A 276 -17.80 -0.27 -10.96
CA VAL A 276 -16.80 0.46 -10.19
C VAL A 276 -16.30 1.62 -11.04
N LYS A 277 -16.10 1.38 -12.34
CA LYS A 277 -15.60 2.44 -13.20
C LYS A 277 -16.60 3.61 -13.25
N ASP A 278 -17.91 3.34 -13.22
CA ASP A 278 -18.93 4.39 -13.22
C ASP A 278 -18.84 5.18 -11.92
N ILE A 279 -18.57 4.49 -10.81
CA ILE A 279 -18.40 5.15 -9.53
C ILE A 279 -17.16 6.05 -9.60
N GLU A 280 -16.06 5.52 -10.13
CA GLU A 280 -14.83 6.28 -10.29
C GLU A 280 -15.10 7.59 -11.03
N GLU A 281 -15.73 7.50 -12.20
CA GLU A 281 -15.83 8.64 -13.11
C GLU A 281 -16.69 9.74 -12.47
N TYR A 282 -17.74 9.29 -11.76
CA TYR A 282 -18.65 10.16 -11.03
C TYR A 282 -17.90 10.89 -9.91
N LEU A 283 -17.09 10.15 -9.14
CA LEU A 283 -16.28 10.74 -8.09
C LEU A 283 -15.26 11.74 -8.65
N LYS A 284 -14.67 11.42 -9.81
CA LYS A 284 -13.76 12.36 -10.47
C LYS A 284 -14.52 13.61 -10.90
N LYS A 285 -15.74 13.42 -11.44
CA LYS A 285 -16.53 14.54 -11.94
C LYS A 285 -16.89 15.46 -10.78
N HIS A 286 -17.08 14.90 -9.57
CA HIS A 286 -17.52 15.67 -8.42
C HIS A 286 -16.36 16.07 -7.51
N GLY A 287 -15.11 15.87 -7.97
CA GLY A 287 -13.93 16.36 -7.29
C GLY A 287 -13.36 15.42 -6.22
N ILE A 288 -14.04 14.30 -5.93
CA ILE A 288 -13.67 13.50 -4.76
C ILE A 288 -12.31 12.83 -4.99
N ILE A 289 -12.12 12.14 -6.12
CA ILE A 289 -10.81 11.66 -6.54
C ILE A 289 -10.32 12.58 -7.66
N SER A 290 -9.03 12.93 -7.68
CA SER A 290 -8.55 14.04 -8.51
C SER A 290 -8.22 13.59 -9.93
N LYS B 22 -7.97 40.51 4.17
CA LYS B 22 -6.69 41.25 3.96
C LYS B 22 -5.75 40.39 3.13
N MET B 23 -5.30 39.27 3.72
CA MET B 23 -4.68 38.19 2.94
C MET B 23 -5.76 37.50 2.10
N ARG B 24 -6.99 37.43 2.63
CA ARG B 24 -8.17 37.00 1.89
C ARG B 24 -8.25 37.82 0.59
N ASP B 25 -8.11 39.16 0.71
CA ASP B 25 -8.23 40.04 -0.44
C ASP B 25 -7.14 39.76 -1.47
N ARG B 26 -5.91 39.53 -1.01
CA ARG B 26 -4.81 39.21 -1.92
C ARG B 26 -5.17 37.93 -2.69
N LEU B 27 -5.82 36.99 -2.00
CA LEU B 27 -6.22 35.73 -2.60
C LEU B 27 -7.27 35.99 -3.69
N PHE B 28 -8.33 36.72 -3.37
CA PHE B 28 -9.37 37.03 -4.34
C PHE B 28 -8.79 37.71 -5.56
N PHE B 29 -7.75 38.52 -5.34
CA PHE B 29 -7.13 39.23 -6.43
C PHE B 29 -6.38 38.27 -7.36
N LEU B 30 -5.57 37.39 -6.77
CA LEU B 30 -4.83 36.39 -7.51
C LEU B 30 -5.77 35.39 -8.21
N LEU B 31 -6.87 35.04 -7.55
CA LEU B 31 -7.79 34.07 -8.11
C LEU B 31 -8.40 34.65 -9.39
N SER B 32 -8.90 35.90 -9.33
CA SER B 32 -9.55 36.50 -10.48
C SER B 32 -8.51 36.84 -11.55
N LYS B 33 -7.28 37.13 -11.14
CA LYS B 33 -6.24 37.52 -12.08
C LYS B 33 -5.88 36.38 -13.05
N TYR B 34 -5.82 35.15 -12.54
CA TYR B 34 -5.49 33.99 -13.35
C TYR B 34 -6.77 33.22 -13.69
N GLY B 35 -7.93 33.81 -13.37
CA GLY B 35 -9.24 33.23 -13.66
C GLY B 35 -9.39 31.79 -13.17
N ILE B 36 -8.90 31.50 -11.95
CA ILE B 36 -9.04 30.18 -11.35
C ILE B 36 -9.90 30.26 -10.10
N ARG B 37 -10.65 29.19 -9.82
CA ARG B 37 -11.48 29.11 -8.62
C ARG B 37 -10.99 27.93 -7.81
N PRO B 38 -11.05 27.99 -6.45
CA PRO B 38 -10.65 26.87 -5.60
C PRO B 38 -11.40 25.55 -5.83
N ARG B 39 -10.64 24.57 -6.35
CA ARG B 39 -11.12 23.25 -6.75
C ARG B 39 -10.95 22.30 -5.57
N ASP B 40 -12.07 21.95 -4.91
CA ASP B 40 -12.04 21.06 -3.74
C ASP B 40 -11.66 19.64 -4.20
N SER B 41 -11.42 19.50 -5.52
CA SER B 41 -10.96 18.28 -6.19
C SER B 41 -9.70 17.68 -5.56
N ILE B 42 -8.60 18.42 -5.64
CA ILE B 42 -7.31 18.00 -5.11
C ILE B 42 -7.20 18.45 -3.64
N GLY B 43 -7.87 19.59 -3.35
CA GLY B 43 -7.90 20.18 -2.01
C GLY B 43 -7.36 21.61 -2.05
N GLN B 44 -8.25 22.60 -1.84
CA GLN B 44 -7.86 23.99 -2.09
C GLN B 44 -8.60 24.93 -1.12
N HIS B 45 -8.62 24.56 0.18
CA HIS B 45 -8.95 25.46 1.28
C HIS B 45 -7.69 26.19 1.73
N PHE B 46 -7.44 27.37 1.14
CA PHE B 46 -6.18 28.07 1.31
C PHE B 46 -6.18 28.81 2.64
N LEU B 47 -5.02 28.82 3.32
CA LEU B 47 -4.83 29.50 4.60
C LEU B 47 -4.70 31.00 4.32
N ILE B 48 -5.59 31.81 4.94
CA ILE B 48 -5.66 33.24 4.63
C ILE B 48 -5.59 34.11 5.89
N ILE B 49 -5.15 33.55 7.03
CA ILE B 49 -4.83 34.35 8.22
C ILE B 49 -3.32 34.35 8.41
N GLU B 50 -2.73 35.54 8.32
CA GLU B 50 -1.29 35.72 8.31
C GLU B 50 -0.67 35.26 9.63
N ASP B 51 -1.40 35.38 10.74
CA ASP B 51 -0.86 35.05 12.04
C ASP B 51 -0.87 33.54 12.29
N VAL B 52 -1.70 32.78 11.55
CA VAL B 52 -1.65 31.32 11.62
C VAL B 52 -0.36 30.86 10.96
N ILE B 53 -0.01 31.50 9.84
CA ILE B 53 1.22 31.21 9.12
C ILE B 53 2.43 31.48 10.01
N GLU B 54 2.46 32.66 10.63
CA GLU B 54 3.57 33.06 11.49
C GLU B 54 3.67 32.08 12.66
N LYS B 55 2.52 31.71 13.24
CA LYS B 55 2.48 30.80 14.36
C LYS B 55 3.01 29.42 13.97
N ALA B 56 2.67 28.94 12.76
CA ALA B 56 3.16 27.65 12.31
C ALA B 56 4.68 27.73 12.19
N ILE B 57 5.15 28.83 11.61
CA ILE B 57 6.56 28.96 11.30
C ILE B 57 7.39 29.11 12.57
N GLU B 58 6.88 29.84 13.57
CA GLU B 58 7.63 30.04 14.80
C GLU B 58 7.60 28.76 15.62
N THR B 59 6.50 27.99 15.56
CA THR B 59 6.40 26.71 16.24
C THR B 59 7.45 25.71 15.71
N ALA B 60 7.77 25.77 14.41
CA ALA B 60 8.79 24.93 13.78
C ALA B 60 10.18 25.53 13.92
N ASN B 61 10.29 26.80 14.33
CA ASN B 61 11.56 27.46 14.61
C ASN B 61 12.42 27.56 13.36
N VAL B 62 11.80 27.98 12.27
CA VAL B 62 12.45 27.96 10.97
C VAL B 62 13.59 28.97 11.01
N ASN B 63 14.78 28.51 10.64
CA ASN B 63 15.96 29.36 10.67
C ASN B 63 16.78 29.12 9.39
N GLU B 64 17.81 29.94 9.23
CA GLU B 64 18.66 29.99 8.04
C GLU B 64 19.38 28.67 7.78
N ASN B 65 19.31 27.67 8.68
CA ASN B 65 20.01 26.41 8.47
C ASN B 65 19.05 25.30 8.02
N ASP B 66 17.76 25.60 7.97
CA ASP B 66 16.76 24.57 7.79
C ASP B 66 16.51 24.30 6.30
N VAL B 67 16.33 23.02 5.97
CA VAL B 67 15.75 22.58 4.71
C VAL B 67 14.32 22.13 5.00
N ILE B 68 13.34 22.84 4.44
CA ILE B 68 11.92 22.65 4.75
C ILE B 68 11.25 21.90 3.61
N LEU B 69 10.32 20.99 3.97
CA LEU B 69 9.35 20.44 3.03
C LEU B 69 7.97 21.05 3.32
N GLU B 70 7.35 21.52 2.24
CA GLU B 70 5.98 21.98 2.25
C GLU B 70 5.20 21.16 1.22
N VAL B 71 3.98 20.75 1.58
CA VAL B 71 3.10 20.11 0.65
C VAL B 71 1.95 21.08 0.35
N GLY B 72 1.71 21.33 -0.94
CA GLY B 72 0.56 22.11 -1.40
C GLY B 72 0.79 23.61 -1.17
N PRO B 73 1.66 24.25 -1.96
CA PRO B 73 1.94 25.67 -1.75
C PRO B 73 0.77 26.59 -2.08
N GLY B 74 -0.19 26.12 -2.89
CA GLY B 74 -1.34 26.93 -3.25
C GLY B 74 -0.86 28.23 -3.89
N LEU B 75 -1.23 29.37 -3.32
CA LEU B 75 -0.80 30.63 -3.91
C LEU B 75 0.44 31.21 -3.22
N GLY B 76 1.08 30.36 -2.39
CA GLY B 76 2.46 30.58 -2.00
C GLY B 76 2.60 31.47 -0.77
N PHE B 77 1.54 31.64 0.02
CA PHE B 77 1.55 32.52 1.19
C PHE B 77 2.42 31.92 2.30
N LEU B 78 2.27 30.64 2.59
CA LEU B 78 3.14 29.98 3.56
C LEU B 78 4.54 29.84 2.98
N THR B 79 4.61 29.42 1.70
CA THR B 79 5.85 29.20 0.99
C THR B 79 6.78 30.42 1.06
N ASP B 80 6.20 31.61 0.86
CA ASP B 80 6.99 32.82 0.72
C ASP B 80 7.66 33.16 2.05
N GLU B 81 6.93 32.95 3.15
CA GLU B 81 7.47 33.14 4.49
C GLU B 81 8.57 32.12 4.80
N LEU B 82 8.38 30.86 4.39
CA LEU B 82 9.39 29.83 4.63
C LEU B 82 10.68 30.20 3.89
N ALA B 83 10.52 30.62 2.63
CA ALA B 83 11.62 30.97 1.73
C ALA B 83 12.50 32.09 2.29
N LYS B 84 11.92 33.03 3.05
CA LYS B 84 12.72 34.13 3.52
C LYS B 84 13.48 33.73 4.78
N ARG B 85 13.17 32.61 5.42
CA ARG B 85 13.87 32.22 6.63
C ARG B 85 14.74 30.96 6.47
N ALA B 86 14.35 30.03 5.59
CA ALA B 86 15.06 28.76 5.49
C ALA B 86 16.26 28.88 4.55
N LYS B 87 17.22 27.99 4.70
CA LYS B 87 18.27 27.79 3.71
C LYS B 87 17.66 27.39 2.37
N LYS B 88 16.65 26.50 2.40
CA LYS B 88 16.10 25.86 1.21
C LYS B 88 14.70 25.35 1.51
N VAL B 89 13.77 25.54 0.54
CA VAL B 89 12.43 24.98 0.61
C VAL B 89 12.18 24.11 -0.62
N TYR B 90 11.69 22.89 -0.39
CA TYR B 90 11.10 22.02 -1.38
C TYR B 90 9.58 22.06 -1.20
N THR B 91 8.84 22.33 -2.26
CA THR B 91 7.39 22.40 -2.13
C THR B 91 6.75 21.58 -3.25
N ILE B 92 5.93 20.59 -2.86
CA ILE B 92 5.34 19.62 -3.76
C ILE B 92 3.92 20.09 -4.12
N GLU B 93 3.69 20.38 -5.41
CA GLU B 93 2.39 20.84 -5.91
C GLU B 93 1.92 19.97 -7.06
N ILE B 94 0.66 19.52 -7.00
CA ILE B 94 0.14 18.53 -7.94
C ILE B 94 -0.41 19.23 -9.20
N ASP B 95 -0.80 20.49 -9.05
CA ASP B 95 -1.56 21.22 -10.05
C ASP B 95 -0.59 22.12 -10.83
N GLN B 96 -0.47 21.86 -12.14
CA GLN B 96 0.50 22.54 -12.99
C GLN B 96 0.15 24.03 -13.15
N LYS B 97 -1.13 24.38 -13.04
CA LYS B 97 -1.59 25.76 -13.15
C LYS B 97 -1.07 26.59 -11.98
N ILE B 98 -1.19 26.06 -10.76
CA ILE B 98 -0.64 26.68 -9.56
C ILE B 98 0.85 26.90 -9.72
N ILE B 99 1.56 25.89 -10.24
CA ILE B 99 3.00 25.99 -10.43
C ILE B 99 3.33 27.18 -11.34
N GLU B 100 2.57 27.31 -12.45
CA GLU B 100 2.78 28.41 -13.39
C GLU B 100 2.62 29.73 -12.66
N ILE B 101 1.59 29.80 -11.81
CA ILE B 101 1.27 31.04 -11.13
C ILE B 101 2.36 31.38 -10.10
N LEU B 102 2.84 30.37 -9.35
CA LEU B 102 3.89 30.62 -8.36
C LEU B 102 5.12 31.21 -9.05
N LYS B 103 5.49 30.63 -10.20
CA LYS B 103 6.69 31.04 -10.91
C LYS B 103 6.55 32.45 -11.46
N LYS B 104 5.35 32.84 -11.91
CA LYS B 104 5.11 34.20 -12.36
C LYS B 104 5.06 35.18 -11.18
N GLU B 105 4.55 34.75 -10.03
CA GLU B 105 4.18 35.68 -8.99
C GLU B 105 5.36 35.90 -8.03
N TYR B 106 6.32 34.97 -7.98
CA TYR B 106 7.39 35.05 -6.99
C TYR B 106 8.75 34.88 -7.67
N SER B 107 9.79 35.35 -6.96
CA SER B 107 11.15 35.37 -7.47
C SER B 107 12.07 34.78 -6.40
N TRP B 108 11.83 33.52 -6.06
CA TRP B 108 12.57 32.83 -5.03
C TRP B 108 13.91 32.34 -5.55
N ASN B 109 14.94 32.43 -4.71
CA ASN B 109 16.26 31.90 -5.05
C ASN B 109 16.40 30.48 -4.50
N ASN B 110 15.61 30.15 -3.46
CA ASN B 110 15.90 29.02 -2.59
C ASN B 110 14.69 28.08 -2.49
N VAL B 111 13.83 28.08 -3.52
CA VAL B 111 12.67 27.20 -3.52
C VAL B 111 12.72 26.27 -4.73
N LYS B 112 12.67 24.96 -4.48
CA LYS B 112 12.49 23.96 -5.51
C LYS B 112 11.04 23.51 -5.48
N ILE B 113 10.30 23.80 -6.56
CA ILE B 113 8.93 23.32 -6.74
C ILE B 113 8.97 21.94 -7.38
N ILE B 114 8.29 20.98 -6.75
CA ILE B 114 8.27 19.60 -7.23
C ILE B 114 6.87 19.34 -7.75
N GLN B 115 6.76 19.03 -9.05
CA GLN B 115 5.47 18.79 -9.65
C GLN B 115 5.09 17.36 -9.33
N GLY B 116 3.90 17.17 -8.76
CA GLY B 116 3.37 15.83 -8.53
C GLY B 116 2.51 15.73 -7.27
N ASP B 117 1.99 14.52 -7.08
CA ASP B 117 1.24 14.13 -5.90
C ASP B 117 2.25 13.81 -4.82
N ALA B 118 2.22 14.58 -3.72
CA ALA B 118 3.17 14.43 -2.61
C ALA B 118 3.19 12.99 -2.09
N VAL B 119 2.08 12.27 -2.22
CA VAL B 119 1.98 10.88 -1.78
C VAL B 119 2.79 9.97 -2.70
N ARG B 120 3.00 10.36 -3.96
CA ARG B 120 3.60 9.48 -4.95
C ARG B 120 5.07 9.80 -5.19
N VAL B 121 5.40 11.10 -5.25
CA VAL B 121 6.72 11.51 -5.70
C VAL B 121 7.76 11.24 -4.61
N GLU B 122 9.00 11.18 -5.07
CA GLU B 122 10.18 11.00 -4.23
C GLU B 122 10.35 12.29 -3.42
N TRP B 123 10.57 12.14 -2.12
CA TRP B 123 10.75 13.27 -1.24
C TRP B 123 12.22 13.71 -1.20
N PRO B 124 12.47 15.00 -1.00
CA PRO B 124 13.83 15.49 -0.75
C PRO B 124 14.23 15.08 0.66
N LYS B 125 15.51 15.21 0.98
CA LYS B 125 15.92 15.15 2.38
C LYS B 125 15.55 16.50 2.99
N PHE B 126 15.10 16.50 4.24
CA PHE B 126 14.70 17.73 4.90
C PHE B 126 14.83 17.49 6.39
N ASN B 127 14.90 18.57 7.15
CA ASN B 127 14.92 18.45 8.59
C ASN B 127 13.62 18.98 9.20
N LYS B 128 12.85 19.79 8.45
CA LYS B 128 11.57 20.27 8.96
C LYS B 128 10.49 20.26 7.88
N VAL B 129 9.25 20.07 8.32
CA VAL B 129 8.06 20.21 7.49
C VAL B 129 7.22 21.33 8.08
N VAL B 130 6.74 22.24 7.22
CA VAL B 130 5.70 23.18 7.59
C VAL B 130 4.70 23.21 6.44
N SER B 131 3.42 22.86 6.71
CA SER B 131 2.46 22.68 5.63
C SER B 131 1.00 22.79 6.08
N ASN B 132 0.14 23.41 5.25
CA ASN B 132 -1.30 23.18 5.30
C ASN B 132 -1.58 21.96 4.39
N ILE B 133 -1.67 20.75 4.99
CA ILE B 133 -1.76 19.52 4.22
C ILE B 133 -3.11 19.45 3.52
N PRO B 134 -3.22 19.05 2.23
CA PRO B 134 -4.51 18.70 1.64
C PRO B 134 -5.12 17.57 2.46
N TYR B 135 -6.35 17.75 2.97
CA TYR B 135 -6.87 16.90 4.02
C TYR B 135 -7.12 15.48 3.48
N LYS B 136 -7.23 15.39 2.15
CA LYS B 136 -7.46 14.13 1.48
C LYS B 136 -6.24 13.23 1.59
N ILE B 137 -5.03 13.79 1.75
CA ILE B 137 -3.84 12.96 1.89
C ILE B 137 -3.31 13.02 3.31
N SER B 138 -4.14 13.43 4.29
CA SER B 138 -3.68 13.54 5.68
C SER B 138 -3.03 12.22 6.11
N SER B 139 -3.79 11.13 5.89
CA SER B 139 -3.45 9.80 6.36
C SER B 139 -2.21 9.27 5.66
N PRO B 140 -2.15 9.09 4.32
CA PRO B 140 -0.91 8.63 3.69
C PRO B 140 0.31 9.54 3.89
N PHE B 141 0.05 10.85 3.90
CA PHE B 141 1.10 11.80 4.17
C PHE B 141 1.76 11.50 5.51
N THR B 142 0.94 11.32 6.55
CA THR B 142 1.45 11.17 7.90
C THR B 142 2.28 9.88 8.01
N PHE B 143 1.80 8.77 7.43
CA PHE B 143 2.50 7.48 7.52
C PHE B 143 3.85 7.59 6.82
N LYS B 144 3.90 8.28 5.68
CA LYS B 144 5.17 8.47 5.01
C LYS B 144 6.09 9.31 5.91
N LEU B 145 5.55 10.39 6.50
CA LEU B 145 6.39 11.34 7.24
C LEU B 145 7.06 10.63 8.40
N LEU B 146 6.26 9.89 9.16
CA LEU B 146 6.71 9.17 10.34
C LEU B 146 7.84 8.17 10.04
N LYS B 147 7.95 7.72 8.78
CA LYS B 147 9.02 6.84 8.34
C LYS B 147 10.27 7.61 7.91
N THR B 148 10.22 8.94 7.98
CA THR B 148 11.30 9.80 7.55
C THR B 148 12.17 10.23 8.74
N ASP B 149 13.44 10.54 8.46
CA ASP B 149 14.30 11.24 9.39
CA ASP B 149 14.32 11.25 9.38
C ASP B 149 14.10 12.76 9.23
N PHE B 150 13.62 13.41 10.30
CA PHE B 150 13.34 14.84 10.35
C PHE B 150 13.37 15.29 11.81
N GLU B 151 13.72 16.56 12.07
CA GLU B 151 13.73 17.06 13.44
C GLU B 151 12.30 17.39 13.89
N ARG B 152 11.52 18.07 13.03
CA ARG B 152 10.26 18.60 13.47
C ARG B 152 9.31 18.87 12.31
N ALA B 153 8.02 18.61 12.53
CA ALA B 153 7.00 18.90 11.55
C ALA B 153 5.89 19.72 12.21
N VAL B 154 5.51 20.83 11.57
CA VAL B 154 4.33 21.58 11.97
C VAL B 154 3.32 21.59 10.82
N VAL B 155 2.17 20.93 11.03
CA VAL B 155 1.25 20.59 9.96
C VAL B 155 -0.18 20.87 10.40
N MET B 156 -0.98 21.43 9.47
CA MET B 156 -2.39 21.65 9.69
C MET B 156 -3.17 20.45 9.18
N TYR B 157 -4.08 19.95 10.03
CA TYR B 157 -4.98 18.86 9.71
C TYR B 157 -6.39 19.24 10.13
N GLN B 158 -7.38 18.46 9.68
CA GLN B 158 -8.71 18.51 10.30
C GLN B 158 -8.60 18.08 11.76
N LEU B 159 -9.50 18.63 12.58
CA LEU B 159 -9.44 18.48 14.02
C LEU B 159 -9.65 17.03 14.40
N GLU B 160 -10.63 16.40 13.76
CA GLU B 160 -10.94 15.00 14.06
C GLU B 160 -9.72 14.14 13.77
N PHE B 161 -9.03 14.42 12.67
CA PHE B 161 -7.86 13.65 12.29
C PHE B 161 -6.72 13.88 13.29
N ALA B 162 -6.55 15.14 13.74
CA ALA B 162 -5.53 15.48 14.71
C ALA B 162 -5.78 14.72 16.02
N LEU B 163 -7.06 14.63 16.42
CA LEU B 163 -7.45 13.95 17.65
C LEU B 163 -7.23 12.43 17.53
N ARG B 164 -7.35 11.89 16.31
CA ARG B 164 -7.11 10.48 16.02
C ARG B 164 -5.62 10.19 16.19
N MET B 165 -4.77 11.13 15.72
CA MET B 165 -3.33 11.02 15.85
C MET B 165 -2.89 10.94 17.31
N VAL B 166 -3.64 11.57 18.24
CA VAL B 166 -3.23 11.56 19.63
C VAL B 166 -4.07 10.59 20.45
N ALA B 167 -4.91 9.75 19.81
CA ALA B 167 -5.84 8.91 20.56
C ALA B 167 -5.03 7.91 21.38
N LYS B 168 -5.57 7.55 22.55
CA LYS B 168 -4.91 6.66 23.50
C LYS B 168 -5.34 5.22 23.26
N PRO B 169 -4.42 4.23 23.40
CA PRO B 169 -4.79 2.82 23.30
C PRO B 169 -6.02 2.53 24.12
N GLY B 170 -7.03 1.93 23.45
CA GLY B 170 -8.26 1.54 24.10
C GLY B 170 -9.35 2.60 24.00
N SER B 171 -9.08 3.75 23.39
CA SER B 171 -10.15 4.70 23.08
C SER B 171 -10.84 4.33 21.76
N ARG B 172 -12.03 4.87 21.55
CA ARG B 172 -12.87 4.56 20.40
C ARG B 172 -12.18 4.87 19.07
N ASN B 173 -11.33 5.91 19.06
CA ASN B 173 -10.81 6.46 17.83
C ASN B 173 -9.35 6.03 17.65
N TYR B 174 -8.89 5.10 18.50
CA TYR B 174 -7.54 4.59 18.36
C TYR B 174 -7.49 3.63 17.19
N SER B 175 -6.60 3.94 16.24
CA SER B 175 -6.52 3.26 14.95
C SER B 175 -5.06 3.08 14.57
N ARG B 176 -4.82 2.54 13.39
CA ARG B 176 -3.47 2.32 12.89
C ARG B 176 -2.65 3.60 12.97
N LEU B 177 -3.27 4.70 12.56
CA LEU B 177 -2.66 6.02 12.57
C LEU B 177 -2.16 6.38 13.96
N SER B 178 -3.05 6.28 14.96
CA SER B 178 -2.73 6.49 16.36
C SER B 178 -1.54 5.64 16.80
N LEU B 179 -1.55 4.35 16.43
CA LEU B 179 -0.52 3.44 16.89
C LEU B 179 0.82 3.87 16.32
N MET B 180 0.85 4.12 15.01
CA MET B 180 2.11 4.45 14.34
C MET B 180 2.60 5.82 14.82
N ALA B 181 1.68 6.76 15.10
CA ALA B 181 2.07 8.07 15.62
C ALA B 181 2.76 7.92 16.98
N GLN B 182 2.18 7.10 17.85
CA GLN B 182 2.72 6.85 19.18
C GLN B 182 3.99 6.00 19.09
N ALA B 183 4.04 5.04 18.15
CA ALA B 183 5.22 4.19 18.00
C ALA B 183 6.41 5.02 17.56
N LEU B 184 6.18 5.94 16.62
CA LEU B 184 7.27 6.60 15.91
C LEU B 184 7.38 8.09 16.25
N GLY B 185 6.37 8.70 16.86
CA GLY B 185 6.41 10.14 17.04
C GLY B 185 6.06 10.59 18.45
N ASN B 186 6.37 11.87 18.70
CA ASN B 186 5.83 12.61 19.83
C ASN B 186 4.89 13.66 19.23
N VAL B 187 3.59 13.52 19.49
CA VAL B 187 2.64 14.35 18.76
C VAL B 187 1.91 15.27 19.71
N GLU B 188 1.62 16.48 19.25
CA GLU B 188 0.97 17.47 20.10
C GLU B 188 0.07 18.37 19.26
N ILE B 189 -1.17 18.58 19.72
CA ILE B 189 -2.04 19.57 19.13
C ILE B 189 -1.68 20.93 19.75
N VAL B 190 -1.08 21.82 18.95
CA VAL B 190 -0.63 23.12 19.42
C VAL B 190 -1.83 24.03 19.66
N MET B 191 -2.75 24.09 18.68
CA MET B 191 -3.97 24.86 18.83
C MET B 191 -4.99 24.41 17.77
N LYS B 192 -6.27 24.65 18.08
CA LYS B 192 -7.35 24.50 17.12
C LYS B 192 -7.36 25.72 16.21
N ILE B 193 -7.87 25.53 14.99
CA ILE B 193 -7.98 26.62 14.02
C ILE B 193 -9.36 26.61 13.41
N GLY B 194 -10.06 27.74 13.61
CA GLY B 194 -11.42 27.92 13.14
C GLY B 194 -11.53 27.78 11.62
N LYS B 195 -12.75 27.48 11.17
CA LYS B 195 -13.16 27.47 9.78
C LYS B 195 -12.78 28.79 9.09
N GLY B 196 -12.95 29.92 9.81
CA GLY B 196 -12.77 31.25 9.24
C GLY B 196 -11.34 31.53 8.79
N ALA B 197 -10.40 30.60 9.04
CA ALA B 197 -9.00 30.84 8.72
C ALA B 197 -8.66 30.48 7.27
N PHE B 198 -9.61 29.90 6.51
CA PHE B 198 -9.33 29.42 5.16
C PHE B 198 -10.35 29.99 4.19
N TYR B 199 -9.99 30.10 2.90
CA TYR B 199 -10.98 30.29 1.85
C TYR B 199 -10.77 29.25 0.75
N PRO B 200 -11.82 28.50 0.33
CA PRO B 200 -13.14 28.50 0.99
C PRO B 200 -13.13 27.95 2.40
N ARG B 201 -14.22 28.21 3.15
CA ARG B 201 -14.35 27.77 4.52
C ARG B 201 -14.65 26.26 4.57
N PRO B 202 -13.94 25.45 5.40
CA PRO B 202 -14.38 24.09 5.72
C PRO B 202 -15.48 24.21 6.78
N LYS B 203 -16.27 23.15 7.01
CA LYS B 203 -17.32 23.24 8.02
C LYS B 203 -16.88 22.60 9.35
N VAL B 204 -15.64 22.12 9.43
CA VAL B 204 -15.07 21.66 10.69
C VAL B 204 -13.80 22.46 10.99
N ASP B 205 -13.62 22.73 12.28
CA ASP B 205 -12.37 23.28 12.80
C ASP B 205 -11.21 22.42 12.26
N SER B 206 -10.03 23.06 12.14
CA SER B 206 -8.78 22.39 11.84
C SER B 206 -7.89 22.42 13.09
N ALA B 207 -6.66 21.90 12.98
CA ALA B 207 -5.73 21.94 14.10
C ALA B 207 -4.30 21.99 13.58
N LEU B 208 -3.48 22.78 14.27
CA LEU B 208 -2.04 22.80 14.04
C LEU B 208 -1.39 21.75 14.94
N VAL B 209 -0.61 20.87 14.32
CA VAL B 209 -0.08 19.70 14.99
C VAL B 209 1.43 19.74 14.84
N LEU B 210 2.10 19.51 15.96
CA LEU B 210 3.54 19.42 16.01
C LEU B 210 3.92 17.94 16.17
N ILE B 211 4.88 17.47 15.35
CA ILE B 211 5.35 16.09 15.41
C ILE B 211 6.87 16.13 15.43
N GLU B 212 7.44 15.37 16.37
CA GLU B 212 8.86 15.12 16.39
C GLU B 212 9.09 13.62 16.42
N PRO B 213 10.23 13.12 15.91
CA PRO B 213 10.56 11.70 16.01
C PRO B 213 10.67 11.30 17.48
N ARG B 214 10.06 10.15 17.83
CA ARG B 214 10.27 9.52 19.11
C ARG B 214 11.76 9.14 19.20
N LYS B 215 12.39 9.40 20.34
CA LYS B 215 13.82 9.17 20.46
C LYS B 215 14.10 7.67 20.54
N ASP B 216 13.20 6.92 21.19
CA ASP B 216 13.29 5.46 21.18
C ASP B 216 12.12 4.89 20.38
N LYS B 217 12.29 4.91 19.05
CA LYS B 217 11.24 4.48 18.13
C LYS B 217 10.98 2.99 18.30
N ILE B 218 9.70 2.62 18.23
CA ILE B 218 9.28 1.23 18.09
C ILE B 218 8.92 1.01 16.63
N VAL B 219 9.83 0.33 15.92
CA VAL B 219 9.70 0.03 14.51
C VAL B 219 8.84 -1.22 14.35
N LEU B 220 7.69 -1.08 13.69
CA LEU B 220 6.72 -2.15 13.56
C LEU B 220 6.57 -2.55 12.09
N ASN B 221 6.18 -3.81 11.89
CA ASN B 221 6.00 -4.39 10.57
C ASN B 221 4.67 -3.90 10.01
N GLU B 222 4.72 -3.26 8.82
CA GLU B 222 3.58 -2.55 8.25
C GLU B 222 2.44 -3.55 7.95
N ASN B 223 2.82 -4.73 7.44
CA ASN B 223 1.87 -5.76 7.04
C ASN B 223 1.11 -6.26 8.27
N LEU B 224 1.85 -6.59 9.32
CA LEU B 224 1.30 -6.98 10.62
C LEU B 224 0.25 -5.98 11.11
N VAL B 225 0.64 -4.71 11.20
CA VAL B 225 -0.25 -3.65 11.69
C VAL B 225 -1.49 -3.57 10.80
N LYS B 226 -1.27 -3.52 9.47
CA LYS B 226 -2.37 -3.48 8.53
C LYS B 226 -3.34 -4.64 8.80
N ALA B 227 -2.77 -5.84 8.97
CA ALA B 227 -3.53 -7.07 9.20
C ALA B 227 -4.36 -6.97 10.48
N LEU B 228 -3.66 -6.64 11.57
CA LEU B 228 -4.30 -6.41 12.85
C LEU B 228 -5.40 -5.34 12.76
N PHE B 229 -5.08 -4.20 12.12
CA PHE B 229 -5.98 -3.06 12.18
C PHE B 229 -7.00 -3.07 11.03
N GLN B 230 -6.95 -4.06 10.11
CA GLN B 230 -8.02 -4.26 9.13
C GLN B 230 -9.36 -4.07 9.86
N HIS B 231 -9.51 -4.78 10.98
CA HIS B 231 -10.72 -4.81 11.76
C HIS B 231 -10.30 -4.77 13.23
N ARG B 232 -10.21 -3.53 13.75
CA ARG B 232 -9.45 -3.22 14.95
C ARG B 232 -10.29 -3.54 16.19
N ARG B 233 -11.57 -3.85 15.97
CA ARG B 233 -12.47 -4.23 17.06
C ARG B 233 -12.31 -5.71 17.44
N LYS B 234 -11.64 -6.50 16.59
CA LYS B 234 -11.46 -7.93 16.85
C LYS B 234 -10.40 -8.17 17.92
N THR B 235 -10.57 -9.27 18.68
CA THR B 235 -9.51 -9.82 19.51
C THR B 235 -8.28 -10.05 18.63
N VAL B 236 -7.09 -10.11 19.24
CA VAL B 236 -5.88 -10.19 18.43
C VAL B 236 -5.82 -11.56 17.74
N PRO B 237 -6.26 -12.69 18.34
CA PRO B 237 -6.22 -13.99 17.64
C PRO B 237 -7.09 -13.97 16.39
N ARG B 238 -8.38 -13.63 16.58
CA ARG B 238 -9.33 -13.54 15.46
C ARG B 238 -8.74 -12.69 14.34
N ALA B 239 -8.08 -11.58 14.71
CA ALA B 239 -7.57 -10.64 13.72
C ALA B 239 -6.48 -11.32 12.89
N LEU B 240 -5.51 -11.92 13.61
CA LEU B 240 -4.31 -12.46 12.96
C LEU B 240 -4.68 -13.56 11.96
N LYS B 241 -5.56 -14.49 12.40
CA LYS B 241 -5.89 -15.62 11.52
C LYS B 241 -6.60 -15.10 10.25
N ASP B 242 -7.46 -14.08 10.46
CA ASP B 242 -8.28 -13.48 9.40
C ASP B 242 -7.35 -12.94 8.28
N SER B 243 -6.33 -12.15 8.70
CA SER B 243 -5.57 -11.34 7.78
C SER B 243 -4.54 -12.12 6.95
N ILE B 244 -3.92 -13.15 7.56
CA ILE B 244 -2.91 -13.95 6.89
C ILE B 244 -3.55 -15.06 6.04
N HIS B 245 -4.77 -15.53 6.39
CA HIS B 245 -5.49 -16.46 5.54
C HIS B 245 -5.89 -15.79 4.21
N MET B 246 -6.14 -14.46 4.22
CA MET B 246 -6.61 -13.75 3.03
C MET B 246 -5.43 -13.44 2.11
N LEU B 247 -4.21 -13.39 2.69
CA LEU B 247 -3.00 -13.21 1.89
C LEU B 247 -2.92 -14.33 0.81
N GLY B 248 -3.45 -15.55 1.20
CA GLY B 248 -3.49 -16.73 0.34
C GLY B 248 -2.95 -18.00 1.00
N VAL B 249 -2.63 -17.93 2.31
CA VAL B 249 -2.12 -19.09 3.05
C VAL B 249 -3.30 -19.89 3.59
N SER B 250 -3.04 -21.11 4.08
CA SER B 250 -4.06 -21.92 4.74
C SER B 250 -4.02 -21.65 6.25
N LYS B 251 -5.19 -21.78 6.90
CA LYS B 251 -5.35 -21.41 8.31
C LYS B 251 -5.14 -22.62 9.21
N ASP B 252 -5.30 -23.83 8.65
CA ASP B 252 -4.84 -25.05 9.29
C ASP B 252 -3.34 -24.93 9.57
N GLU B 253 -2.66 -24.09 8.77
CA GLU B 253 -1.21 -23.93 8.78
C GLU B 253 -0.75 -22.99 9.91
N ILE B 254 -1.65 -22.14 10.42
CA ILE B 254 -1.22 -21.06 11.29
C ILE B 254 -2.06 -20.98 12.57
N ARG B 255 -3.02 -21.89 12.76
CA ARG B 255 -3.93 -21.81 13.88
C ARG B 255 -3.22 -21.86 15.20
N GLY B 256 -2.55 -23.00 15.47
CA GLY B 256 -1.77 -23.22 16.71
C GLY B 256 -0.86 -22.05 17.00
N ILE B 257 -0.01 -21.65 16.03
CA ILE B 257 1.00 -20.63 16.29
C ILE B 257 0.32 -19.34 16.72
N ILE B 258 -0.60 -18.86 15.88
CA ILE B 258 -1.43 -17.68 16.15
C ILE B 258 -2.10 -17.80 17.52
N ASN B 259 -2.51 -19.01 17.90
CA ASN B 259 -3.24 -19.18 19.15
C ASN B 259 -2.41 -18.80 20.37
N ASN B 260 -1.09 -19.07 20.39
CA ASN B 260 -0.23 -18.78 21.54
C ASN B 260 0.27 -17.32 21.57
N VAL B 261 -0.21 -16.51 20.62
CA VAL B 261 0.25 -15.15 20.39
C VAL B 261 0.09 -14.29 21.66
N PRO B 262 1.12 -13.49 22.03
CA PRO B 262 1.05 -12.65 23.23
C PRO B 262 -0.05 -11.58 23.14
N HIS B 263 -0.56 -11.17 24.30
CA HIS B 263 -1.56 -10.13 24.42
C HIS B 263 -2.86 -10.59 23.78
N SER B 264 -3.13 -11.91 23.83
CA SER B 264 -4.24 -12.50 23.09
C SER B 264 -5.60 -12.15 23.71
N ASN B 265 -5.62 -11.67 24.97
CA ASN B 265 -6.86 -11.26 25.62
C ASN B 265 -7.20 -9.79 25.35
N LYS B 266 -6.50 -9.14 24.42
CA LYS B 266 -6.82 -7.77 24.04
C LYS B 266 -7.51 -7.74 22.69
N ARG B 267 -8.28 -6.68 22.45
CA ARG B 267 -8.73 -6.30 21.12
C ARG B 267 -7.71 -5.39 20.48
N VAL B 268 -7.62 -5.42 19.15
CA VAL B 268 -6.52 -4.77 18.47
C VAL B 268 -6.43 -3.29 18.88
N PHE B 269 -7.58 -2.63 19.13
CA PHE B 269 -7.60 -1.19 19.38
C PHE B 269 -7.14 -0.84 20.80
N GLN B 270 -6.79 -1.86 21.59
CA GLN B 270 -6.31 -1.68 22.94
C GLN B 270 -4.80 -1.86 23.01
N LEU B 271 -4.16 -2.17 21.86
CA LEU B 271 -2.75 -2.53 21.86
C LEU B 271 -1.87 -1.28 21.87
N TYR B 272 -0.88 -1.32 22.78
CA TYR B 272 0.24 -0.39 22.78
C TYR B 272 1.23 -0.84 21.70
N PRO B 273 2.01 0.10 21.14
CA PRO B 273 3.11 -0.25 20.24
C PRO B 273 4.01 -1.36 20.77
N GLU B 274 4.28 -1.35 22.08
CA GLU B 274 5.19 -2.31 22.68
C GLU B 274 4.60 -3.70 22.58
N GLU B 275 3.28 -3.82 22.81
CA GLU B 275 2.56 -5.07 22.71
C GLU B 275 2.52 -5.59 21.27
N VAL B 276 2.34 -4.68 20.28
CA VAL B 276 2.42 -5.07 18.88
C VAL B 276 3.81 -5.61 18.60
N LYS B 277 4.84 -4.98 19.17
CA LYS B 277 6.20 -5.42 18.93
C LYS B 277 6.42 -6.85 19.46
N ASP B 278 5.80 -7.21 20.60
CA ASP B 278 5.90 -8.56 21.14
C ASP B 278 5.23 -9.55 20.19
N ILE B 279 4.10 -9.13 19.58
CA ILE B 279 3.41 -9.95 18.61
C ILE B 279 4.31 -10.14 17.40
N GLU B 280 4.91 -9.07 16.91
CA GLU B 280 5.82 -9.12 15.78
C GLU B 280 6.92 -10.15 16.01
N GLU B 281 7.62 -10.06 17.16
CA GLU B 281 8.81 -10.85 17.39
C GLU B 281 8.44 -12.34 17.44
N TYR B 282 7.30 -12.63 18.06
CA TYR B 282 6.74 -13.95 18.17
C TYR B 282 6.42 -14.54 16.80
N LEU B 283 5.74 -13.74 15.95
CA LEU B 283 5.42 -14.15 14.60
C LEU B 283 6.69 -14.39 13.77
N LYS B 284 7.72 -13.54 13.95
CA LYS B 284 9.01 -13.76 13.29
C LYS B 284 9.65 -15.06 13.79
N LYS B 285 9.56 -15.33 15.09
CA LYS B 285 10.21 -16.49 15.66
C LYS B 285 9.51 -17.75 15.13
N HIS B 286 8.21 -17.67 14.83
CA HIS B 286 7.44 -18.82 14.40
C HIS B 286 7.25 -18.87 12.87
N GLY B 287 8.00 -18.01 12.16
CA GLY B 287 8.12 -18.08 10.71
C GLY B 287 7.02 -17.33 9.96
N ILE B 288 6.05 -16.74 10.66
CA ILE B 288 4.87 -16.22 9.98
C ILE B 288 5.26 -14.98 9.16
N ILE B 289 5.95 -14.02 9.78
CA ILE B 289 6.55 -12.91 9.05
C ILE B 289 8.06 -13.19 8.99
N SER B 290 8.70 -12.90 7.84
CA SER B 290 10.06 -13.39 7.58
C SER B 290 11.12 -12.44 8.15
N SFG C . 4.55 -22.55 -2.71
CA SFG C . 5.57 -22.76 -1.65
C SFG C . 5.09 -22.11 -0.33
O SFG C . 5.69 -22.45 0.72
OXT SFG C . 4.18 -21.25 -0.42
CB SFG C . 6.95 -22.12 -1.93
CG SFG C . 7.42 -22.14 -3.36
CD SFG C . 8.60 -21.20 -3.60
NE SFG C . 8.96 -21.25 -5.05
C5' SFG C . 9.83 -21.46 -2.72
C4' SFG C . 11.01 -20.51 -2.92
O4' SFG C . 10.51 -19.17 -2.80
C3' SFG C . 12.16 -20.62 -1.90
O3' SFG C . 13.44 -20.75 -2.51
C2' SFG C . 12.07 -19.29 -1.13
O2' SFG C . 13.29 -18.84 -0.60
C1' SFG C . 11.50 -18.37 -2.20
N9 SFG C . 10.82 -17.17 -1.73
C8 SFG C . 9.91 -17.11 -0.71
N7 SFG C . 9.40 -15.93 -0.52
C5 SFG C . 9.99 -15.15 -1.50
C6 SFG C . 9.85 -13.79 -1.82
N6 SFG C . 9.03 -12.97 -1.16
N1 SFG C . 10.55 -13.32 -2.87
C2 SFG C . 11.35 -14.17 -3.53
N3 SFG C . 11.56 -15.46 -3.33
C4 SFG C . 10.84 -15.90 -2.28
ZN ZN D . -10.91 -19.52 3.90
ZN ZN E . 4.46 -26.35 6.03
ZN ZN F . 20.53 -28.32 -15.69
ZN ZN G . -15.82 10.87 12.45
ZN ZN H . -25.68 -0.93 -11.04
CL CL I . 19.17 -30.03 -17.90
C1 PEG J . 23.50 -18.43 -13.53
O1 PEG J . 23.15 -17.47 -12.54
C2 PEG J . 23.53 -19.83 -13.00
O2 PEG J . 24.83 -20.37 -13.10
C3 PEG J . 25.53 -20.41 -11.86
C4 PEG J . 27.02 -20.24 -12.07
O4 PEG J . 27.48 -18.94 -11.74
N ARG K . -6.96 -22.43 -21.04
CA ARG K . -5.90 -22.74 -21.97
C ARG K . -4.96 -23.78 -21.38
O ARG K . -5.47 -24.70 -20.64
CB ARG K . -5.36 -21.42 -22.47
CG ARG K . -6.30 -20.71 -23.43
CD ARG K . -6.53 -19.28 -23.00
NE ARG K . -5.68 -18.40 -23.79
CZ ARG K . -6.06 -17.26 -24.33
NH1 ARG K . -5.26 -16.62 -25.17
NH2 ARG K . -7.25 -16.76 -24.02
OXT ARG K . -3.78 -23.76 -21.78
N SFG L . -5.87 22.02 3.71
CA SFG L . -6.46 22.44 2.42
C SFG L . -7.53 21.44 1.95
O SFG L . -8.33 21.86 1.08
OXT SFG L . -7.48 20.27 2.42
CB SFG L . -5.45 22.45 1.26
CG SFG L . -4.16 23.18 1.50
CD SFG L . -3.12 22.92 0.43
NE SFG L . -1.86 23.59 0.83
C5' SFG L . -3.61 23.35 -0.97
C4' SFG L . -2.66 23.14 -2.14
O4' SFG L . -2.31 21.74 -2.16
C3' SFG L . -3.24 23.44 -3.53
O3' SFG L . -2.37 24.31 -4.25
C2' SFG L . -3.34 22.07 -4.21
O2' SFG L . -3.14 22.09 -5.60
C1' SFG L . -2.22 21.32 -3.50
N9 SFG L . -2.33 19.87 -3.46
C8 SFG L . -3.49 19.15 -3.23
N7 SFG L . -3.29 17.86 -3.20
C5 SFG L . -1.93 17.71 -3.41
C6 SFG L . -1.12 16.58 -3.46
N6 SFG L . -1.58 15.34 -3.34
N1 SFG L . 0.21 16.78 -3.63
C2 SFG L . 0.67 18.04 -3.77
N3 SFG L . -0.01 19.18 -3.73
C4 SFG L . -1.32 18.95 -3.53
ZN ZN M . -0.65 -7.54 26.80
CL CL N . -2.70 -7.95 27.46
S SO3 O . -13.43 20.31 3.46
O1 SO3 O . -12.18 21.12 3.35
O2 SO3 O . -14.11 20.80 4.71
O3 SO3 O . -14.31 20.83 2.36
C1 EDO P . 8.82 -12.57 21.96
O1 EDO P . 7.67 -11.81 22.28
C2 EDO P . 8.56 -14.02 21.79
O2 EDO P . 7.37 -14.49 22.42
C1 PEG Q . 8.77 -5.58 22.32
O1 PEG Q . 8.20 -5.07 23.52
C2 PEG Q . 9.77 -6.68 22.53
O2 PEG Q . 11.10 -6.16 22.52
C3 PEG Q . 11.70 -6.10 21.23
C4 PEG Q . 12.49 -4.84 21.10
O4 PEG Q . 13.35 -4.86 19.98
N ARG R . 4.82 21.81 22.24
CA ARG R . 5.79 22.82 21.95
C ARG R . 5.13 23.97 21.19
O ARG R . 3.92 24.27 21.50
CB ARG R . 6.97 22.08 21.36
CG ARG R . 7.84 21.38 22.40
CD ARG R . 7.96 19.91 22.07
NE ARG R . 9.38 19.65 21.89
CZ ARG R . 9.97 18.47 21.95
NH1 ARG R . 11.26 18.38 21.64
NH2 ARG R . 9.29 17.42 22.38
OXT ARG R . 5.89 24.66 20.47
#